data_7SU1
#
_entry.id   7SU1
#
_cell.length_a   109.660
_cell.length_b   109.660
_cell.length_c   297.600
_cell.angle_alpha   90.000
_cell.angle_beta   90.000
_cell.angle_gamma   90.000
#
_symmetry.space_group_name_H-M   'I 41 2 2'
#
loop_
_entity.id
_entity.type
_entity.pdbx_description
1 polymer 'Fab heavy chain'
2 polymer 'Fab light chain'
3 polymer 'Cytotoxic T-lymphocyte protein 4'
4 non-polymer 2-acetamido-2-deoxy-beta-D-glucopyranose
5 water water
#
loop_
_entity_poly.entity_id
_entity_poly.type
_entity_poly.pdbx_seq_one_letter_code
_entity_poly.pdbx_strand_id
1 'polypeptide(L)'
;(PCA)VQLVESGGGVVQPGRSLRLSCAASGFTFSHYTMHWVRQAPGKGLEWVTFISYDGHNKYYADSVKGRFTISRDNSK
NTLYLQMNSLRAEDTAIYYCARHGWLGPFDYWGQGTLVTVSSASTKGPSVFPLAPSSKSTSGGTAALGCLVKDYFPEPVT
VSWNSGALTSGVHTFPAVLQSSGLYSLSSVVTVPSSSLGTQTYICNVNHKPSNTKVDKRVEPKSCGGHHHHHH
;
H
2 'polypeptide(L)'
;EIVLTQSPGTLSLSPGERATLSCRASQEVGESELAWYQQKPGQAPRLLIYGAFSRATGIPDRFSGSGSGTDFTLTISRLE
PEDFAVYYCQQYGSSPWTFGQGTKVEIKRTVAAPSVFIFPPSDEQLKSGTASVVCLLNNFYPREAKVQWKVDNALQSGNS
QESVTEQDSKDSTYSLSSTLTLSKADYEKHKVYACEVTHQGLSSPVTKSFNRGEC
;
L
3 'polypeptide(L)'
;KAMHVAQPAVVLASSRGIASFVCEYASPGKATEVRVTVLRQADSQVTEVCAATYMMGNELTFLDDSICTGTSSGNQVNLT
IQGLRAMDTGLYICKVELMYPPPYYLGIGNGTQIYVIDGHHHHHH
;
C
#
loop_
_chem_comp.id
_chem_comp.type
_chem_comp.name
_chem_comp.formula
NAG D-saccharide, beta linking 2-acetamido-2-deoxy-beta-D-glucopyranose 'C8 H15 N O6'
#
# COMPACT_ATOMS: atom_id res chain seq x y z
N PCA A 1 20.36 11.03 1.10
CA PCA A 1 19.42 9.91 1.08
CB PCA A 1 18.40 10.01 2.20
CG PCA A 1 18.36 11.48 2.55
CD PCA A 1 19.68 11.96 2.00
OE PCA A 1 20.15 13.06 2.29
C PCA A 1 18.66 9.83 -0.24
O PCA A 1 18.32 10.86 -0.83
N VAL A 2 18.41 8.60 -0.66
CA VAL A 2 17.50 8.31 -1.74
C VAL A 2 16.15 8.90 -1.38
N GLN A 3 15.59 9.66 -2.31
CA GLN A 3 14.28 10.24 -2.11
C GLN A 3 13.54 10.29 -3.43
N LEU A 4 12.27 9.90 -3.41
CA LEU A 4 11.44 9.88 -4.60
C LEU A 4 10.20 10.70 -4.32
N VAL A 5 9.81 11.56 -5.27
CA VAL A 5 8.77 12.54 -5.03
C VAL A 5 7.89 12.64 -6.27
N GLU A 6 6.65 12.13 -6.16
CA GLU A 6 5.65 12.12 -7.23
C GLU A 6 4.85 13.42 -7.24
N SER A 7 4.50 13.89 -8.43
CA SER A 7 3.66 15.08 -8.58
C SER A 7 2.62 14.81 -9.65
N GLY A 8 1.68 15.74 -9.79
CA GLY A 8 0.75 15.67 -10.89
C GLY A 8 -0.52 14.91 -10.60
N GLY A 9 -0.61 14.28 -9.45
CA GLY A 9 -1.87 13.66 -9.06
C GLY A 9 -2.98 14.68 -8.92
N GLY A 10 -4.20 14.22 -9.16
CA GLY A 10 -5.39 15.04 -9.00
C GLY A 10 -6.65 14.34 -9.49
N VAL A 11 -7.65 15.12 -9.90
CA VAL A 11 -8.95 14.60 -10.32
C VAL A 11 -8.99 14.55 -11.84
N VAL A 12 -9.49 13.45 -12.40
CA VAL A 12 -9.63 13.30 -13.84
C VAL A 12 -11.02 12.79 -14.14
N GLN A 13 -11.58 13.24 -15.28
CA GLN A 13 -12.82 12.73 -15.86
C GLN A 13 -12.55 11.42 -16.60
N PRO A 14 -13.44 10.44 -16.48
CA PRO A 14 -13.22 9.17 -17.18
C PRO A 14 -12.88 9.39 -18.65
N GLY A 15 -12.02 8.54 -19.19
CA GLY A 15 -11.60 8.64 -20.57
C GLY A 15 -10.59 9.72 -20.88
N ARG A 16 -10.23 10.59 -19.94
CA ARG A 16 -9.24 11.63 -20.23
C ARG A 16 -7.85 11.19 -19.74
N SER A 17 -6.87 12.10 -19.83
CA SER A 17 -5.47 11.79 -19.60
C SER A 17 -4.98 12.45 -18.33
N LEU A 18 -3.81 11.98 -17.87
CA LEU A 18 -3.11 12.55 -16.73
C LEU A 18 -1.65 12.10 -16.79
N ARG A 19 -0.72 13.02 -16.51
CA ARG A 19 0.70 12.65 -16.53
C ARG A 19 1.31 12.88 -15.15
N LEU A 20 1.71 11.79 -14.50
CA LEU A 20 2.44 11.90 -13.25
C LEU A 20 3.93 11.97 -13.53
N SER A 21 4.66 12.54 -12.59
CA SER A 21 6.11 12.61 -12.70
C SER A 21 6.68 12.29 -11.33
N CYS A 22 7.87 11.71 -11.33
CA CYS A 22 8.55 11.32 -10.10
C CYS A 22 9.93 11.93 -10.13
N ALA A 23 10.25 12.72 -9.11
CA ALA A 23 11.50 13.46 -9.04
C ALA A 23 12.48 12.70 -8.15
N ALA A 24 13.51 12.12 -8.75
CA ALA A 24 14.42 11.28 -8.00
C ALA A 24 15.64 12.08 -7.57
N SER A 25 16.18 11.70 -6.41
CA SER A 25 17.37 12.36 -5.89
C SER A 25 18.01 11.47 -4.83
N GLY A 26 19.34 11.56 -4.74
CA GLY A 26 20.08 10.82 -3.74
C GLY A 26 20.77 9.57 -4.25
N PHE A 27 20.69 9.30 -5.55
CA PHE A 27 21.33 8.14 -6.14
C PHE A 27 21.53 8.46 -7.61
N THR A 28 22.25 7.58 -8.30
CA THR A 28 22.49 7.83 -9.72
C THR A 28 21.28 7.33 -10.51
N PHE A 29 20.25 8.19 -10.58
CA PHE A 29 19.01 7.86 -11.25
C PHE A 29 19.24 7.19 -12.59
N SER A 30 20.28 7.64 -13.30
CA SER A 30 20.67 7.05 -14.58
C SER A 30 20.94 5.56 -14.47
N HIS A 31 21.31 5.07 -13.28
CA HIS A 31 21.81 3.72 -13.11
C HIS A 31 20.74 2.70 -12.77
N TYR A 32 19.48 3.10 -12.58
CA TYR A 32 18.46 2.21 -12.05
C TYR A 32 17.26 2.11 -12.98
N THR A 33 16.74 0.90 -13.14
CA THR A 33 15.43 0.75 -13.73
C THR A 33 14.37 1.22 -12.70
N MET A 34 13.27 1.78 -13.19
CA MET A 34 12.25 2.32 -12.30
C MET A 34 10.87 1.78 -12.63
N HIS A 35 9.98 1.80 -11.62
CA HIS A 35 8.63 1.30 -11.75
C HIS A 35 7.62 2.27 -11.18
N TRP A 36 6.39 2.10 -11.62
CA TRP A 36 5.23 2.64 -10.93
C TRP A 36 4.44 1.49 -10.32
N VAL A 37 3.99 1.68 -9.09
CA VAL A 37 3.12 0.73 -8.40
C VAL A 37 1.99 1.55 -7.84
N ARG A 38 0.77 1.01 -7.87
CA ARG A 38 -0.37 1.80 -7.43
C ARG A 38 -1.18 1.04 -6.37
N GLN A 39 -2.04 1.78 -5.67
CA GLN A 39 -2.80 1.23 -4.55
C GLN A 39 -4.17 1.89 -4.52
N ALA A 40 -5.19 1.12 -4.91
CA ALA A 40 -6.53 1.64 -4.89
C ALA A 40 -6.97 1.76 -3.44
N PRO A 41 -7.83 2.74 -3.14
CA PRO A 41 -8.15 3.03 -1.75
C PRO A 41 -8.75 1.82 -1.05
N GLY A 42 -8.17 1.46 0.08
CA GLY A 42 -8.62 0.31 0.83
C GLY A 42 -7.98 -1.01 0.44
N LYS A 43 -7.26 -1.06 -0.68
CA LYS A 43 -6.85 -2.32 -1.26
C LYS A 43 -5.32 -2.43 -1.23
N GLY A 44 -4.78 -3.43 -1.95
CA GLY A 44 -3.38 -3.79 -1.88
C GLY A 44 -2.54 -3.07 -2.92
N LEU A 45 -1.31 -3.56 -3.08
CA LEU A 45 -0.36 -2.99 -4.03
C LEU A 45 -0.46 -3.75 -5.34
N GLU A 46 -0.57 -3.01 -6.44
CA GLU A 46 -0.61 -3.57 -7.78
C GLU A 46 0.51 -2.93 -8.58
N TRP A 47 1.39 -3.77 -9.14
CA TRP A 47 2.43 -3.29 -10.03
C TRP A 47 1.80 -2.77 -11.31
N VAL A 48 2.30 -1.64 -11.80
CA VAL A 48 1.78 -1.01 -13.00
C VAL A 48 2.75 -1.13 -14.19
N THR A 49 3.97 -0.58 -14.05
CA THR A 49 4.87 -0.55 -15.19
C THR A 49 6.32 -0.49 -14.79
N PHE A 50 7.18 -0.88 -15.75
CA PHE A 50 8.63 -1.04 -15.65
C PHE A 50 9.26 -0.23 -16.77
N ILE A 51 10.35 0.47 -16.46
CA ILE A 51 11.19 1.10 -17.49
C ILE A 51 12.66 0.89 -17.12
N SER A 52 13.45 0.43 -18.10
CA SER A 52 14.88 0.24 -17.88
C SER A 52 15.58 1.59 -17.77
N TYR A 53 16.85 1.54 -17.34
CA TYR A 53 17.56 2.77 -17.05
C TYR A 53 17.66 3.67 -18.27
N ASP A 54 17.75 3.08 -19.46
CA ASP A 54 17.90 3.82 -20.71
C ASP A 54 16.59 3.94 -21.49
N GLY A 55 15.48 3.43 -20.97
CA GLY A 55 14.22 3.59 -21.65
C GLY A 55 13.97 2.61 -22.77
N HIS A 56 14.88 1.67 -23.03
CA HIS A 56 14.71 0.72 -24.12
C HIS A 56 13.71 -0.39 -23.80
N ASN A 57 13.60 -0.77 -22.54
CA ASN A 57 12.78 -1.90 -22.13
C ASN A 57 11.65 -1.40 -21.26
N LYS A 58 10.41 -1.68 -21.67
CA LYS A 58 9.26 -1.33 -20.86
C LYS A 58 8.36 -2.57 -20.70
N TYR A 59 7.69 -2.65 -19.55
CA TYR A 59 6.68 -3.68 -19.33
C TYR A 59 5.47 -3.05 -18.66
N TYR A 60 4.30 -3.57 -18.98
CA TYR A 60 3.07 -3.02 -18.45
C TYR A 60 2.19 -4.13 -17.88
N ALA A 61 1.50 -3.81 -16.80
CA ALA A 61 0.45 -4.69 -16.30
C ALA A 61 -0.66 -4.77 -17.33
N ASP A 62 -1.24 -5.96 -17.50
CA ASP A 62 -2.26 -6.09 -18.54
C ASP A 62 -3.40 -5.11 -18.34
N SER A 63 -3.73 -4.78 -17.08
CA SER A 63 -4.85 -3.87 -16.85
C SER A 63 -4.56 -2.46 -17.33
N VAL A 64 -3.32 -2.13 -17.70
CA VAL A 64 -3.01 -0.82 -18.25
C VAL A 64 -2.32 -0.90 -19.60
N LYS A 65 -2.06 -2.11 -20.11
CA LYS A 65 -1.54 -2.30 -21.47
C LYS A 65 -2.32 -1.45 -22.45
N GLY A 66 -1.61 -0.71 -23.29
CA GLY A 66 -2.23 0.10 -24.31
C GLY A 66 -2.66 1.47 -23.84
N ARG A 67 -2.93 1.67 -22.55
CA ARG A 67 -3.43 2.95 -22.08
C ARG A 67 -2.39 3.76 -21.34
N PHE A 68 -1.40 3.13 -20.70
CA PHE A 68 -0.35 3.84 -20.01
C PHE A 68 0.92 3.66 -20.82
N THR A 69 1.77 4.70 -20.82
CA THR A 69 3.15 4.62 -21.31
C THR A 69 4.05 5.25 -20.26
N ILE A 70 5.17 4.58 -19.99
CA ILE A 70 6.18 5.02 -19.02
C ILE A 70 7.30 5.68 -19.79
N SER A 71 7.92 6.68 -19.18
CA SER A 71 9.11 7.25 -19.80
C SER A 71 9.95 7.87 -18.70
N ARG A 72 11.17 8.21 -19.04
CA ARG A 72 12.03 8.87 -18.10
C ARG A 72 12.84 9.94 -18.84
N ASP A 73 13.21 10.98 -18.09
CA ASP A 73 14.21 11.95 -18.52
C ASP A 73 15.38 11.87 -17.55
N ASN A 74 16.56 11.47 -18.04
CA ASN A 74 17.68 11.32 -17.13
C ASN A 74 18.35 12.66 -16.82
N SER A 75 18.43 13.55 -17.80
CA SER A 75 18.96 14.88 -17.55
C SER A 75 18.21 15.58 -16.43
N LYS A 76 16.96 15.19 -16.18
CA LYS A 76 16.11 15.80 -15.17
C LYS A 76 15.90 14.91 -13.95
N ASN A 77 16.43 13.69 -13.95
CA ASN A 77 16.24 12.76 -12.83
C ASN A 77 14.76 12.53 -12.57
N THR A 78 13.98 12.40 -13.66
CA THR A 78 12.54 12.36 -13.56
C THR A 78 12.02 11.11 -14.28
N LEU A 79 11.13 10.39 -13.62
CA LEU A 79 10.36 9.32 -14.24
C LEU A 79 8.94 9.82 -14.51
N TYR A 80 8.33 9.35 -15.62
CA TYR A 80 7.01 9.79 -16.03
C TYR A 80 6.05 8.61 -16.17
N LEU A 81 4.78 8.87 -15.86
CA LEU A 81 3.71 7.95 -16.25
C LEU A 81 2.66 8.74 -16.99
N GLN A 82 2.47 8.42 -18.28
CA GLN A 82 1.42 9.03 -19.10
C GLN A 82 0.20 8.12 -19.13
N MET A 83 -0.90 8.57 -18.54
CA MET A 83 -2.08 7.73 -18.41
C MET A 83 -3.16 8.26 -19.33
N ASN A 84 -3.55 7.45 -20.31
CA ASN A 84 -4.64 7.82 -21.19
C ASN A 84 -5.84 6.92 -20.90
N SER A 85 -7.02 7.38 -21.33
CA SER A 85 -8.25 6.59 -21.25
C SER A 85 -8.51 6.08 -19.84
N LEU A 86 -8.37 6.97 -18.86
CA LEU A 86 -8.49 6.56 -17.47
C LEU A 86 -9.90 6.11 -17.15
N ARG A 87 -9.99 5.20 -16.18
CA ARG A 87 -11.27 4.67 -15.74
C ARG A 87 -11.34 4.71 -14.22
N ALA A 88 -12.56 4.57 -13.71
CA ALA A 88 -12.77 4.58 -12.26
C ALA A 88 -11.81 3.65 -11.55
N GLU A 89 -11.61 2.45 -12.09
CA GLU A 89 -10.76 1.50 -11.40
C GLU A 89 -9.28 1.91 -11.39
N ASP A 90 -8.87 2.92 -12.17
CA ASP A 90 -7.49 3.43 -12.09
C ASP A 90 -7.30 4.40 -10.94
N THR A 91 -8.36 4.68 -10.19
CA THR A 91 -8.30 5.50 -8.99
C THR A 91 -7.43 4.81 -7.96
N ALA A 92 -6.36 5.48 -7.53
CA ALA A 92 -5.41 4.85 -6.62
C ALA A 92 -4.37 5.89 -6.20
N ILE A 93 -3.61 5.54 -5.16
CA ILE A 93 -2.36 6.25 -4.91
C ILE A 93 -1.28 5.65 -5.81
N TYR A 94 -0.63 6.48 -6.59
CA TYR A 94 0.41 6.05 -7.51
C TYR A 94 1.77 6.31 -6.87
N TYR A 95 2.52 5.23 -6.60
CA TYR A 95 3.87 5.30 -6.07
C TYR A 95 4.91 5.11 -7.17
N CYS A 96 5.99 5.82 -7.02
CA CYS A 96 7.14 5.63 -7.87
C CYS A 96 8.15 4.80 -7.10
N ALA A 97 8.84 3.89 -7.76
CA ALA A 97 9.61 2.92 -6.99
C ALA A 97 10.87 2.52 -7.74
N ARG A 98 11.97 2.40 -7.00
CA ARG A 98 13.25 2.07 -7.59
C ARG A 98 13.47 0.58 -7.55
N HIS A 99 13.89 0.02 -8.67
CA HIS A 99 14.21 -1.40 -8.74
C HIS A 99 15.61 -1.62 -8.20
N GLY A 100 15.71 -2.24 -7.02
CA GLY A 100 17.03 -2.53 -6.45
C GLY A 100 17.80 -3.54 -7.30
N TRP A 101 19.12 -3.34 -7.38
CA TRP A 101 20.00 -4.16 -8.22
C TRP A 101 19.92 -5.66 -7.91
N LEU A 102 19.31 -6.05 -6.79
CA LEU A 102 19.25 -7.46 -6.40
C LEU A 102 17.86 -8.06 -6.56
N GLY A 103 16.88 -7.29 -7.01
CA GLY A 103 15.57 -7.84 -7.24
C GLY A 103 14.39 -6.97 -6.84
N PRO A 104 14.33 -6.52 -5.58
CA PRO A 104 13.06 -5.93 -5.11
C PRO A 104 13.00 -4.43 -5.36
N PHE A 105 11.87 -3.82 -4.99
CA PHE A 105 11.71 -2.36 -5.01
C PHE A 105 12.18 -1.83 -3.66
N ASP A 106 13.40 -1.28 -3.60
CA ASP A 106 13.98 -0.95 -2.32
C ASP A 106 13.63 0.46 -1.82
N TYR A 107 13.17 1.35 -2.70
CA TYR A 107 12.79 2.71 -2.31
C TYR A 107 11.52 3.16 -2.99
N TRP A 108 10.61 3.71 -2.20
CA TRP A 108 9.29 4.13 -2.64
C TRP A 108 9.07 5.61 -2.30
N GLY A 109 8.56 6.36 -3.25
CA GLY A 109 8.04 7.68 -2.94
C GLY A 109 6.83 7.52 -2.07
N GLN A 110 6.30 8.63 -1.58
CA GLN A 110 5.18 8.53 -0.66
C GLN A 110 3.83 8.58 -1.37
N GLY A 111 3.82 8.69 -2.68
CA GLY A 111 2.63 8.46 -3.47
C GLY A 111 1.86 9.73 -3.80
N THR A 112 1.11 9.68 -4.91
CA THR A 112 0.22 10.78 -5.29
C THR A 112 -1.15 10.23 -5.67
N LEU A 113 -2.21 10.90 -5.21
CA LEU A 113 -3.56 10.38 -5.34
C LEU A 113 -4.12 10.75 -6.71
N VAL A 114 -4.71 9.76 -7.40
CA VAL A 114 -5.32 9.97 -8.70
C VAL A 114 -6.75 9.46 -8.60
N THR A 115 -7.71 10.37 -8.78
CA THR A 115 -9.12 10.06 -8.64
C THR A 115 -9.76 10.20 -10.02
N VAL A 116 -10.23 9.09 -10.56
CA VAL A 116 -10.95 9.12 -11.83
C VAL A 116 -12.43 9.05 -11.51
N SER A 117 -13.17 10.07 -11.93
CA SER A 117 -14.57 10.23 -11.55
C SER A 117 -15.18 11.37 -12.33
N SER A 118 -16.46 11.25 -12.63
CA SER A 118 -17.06 12.39 -13.33
C SER A 118 -17.49 13.49 -12.37
N ALA A 119 -17.43 13.27 -11.06
CA ALA A 119 -17.77 14.29 -10.09
C ALA A 119 -16.87 15.51 -10.23
N SER A 120 -17.39 16.66 -9.83
CA SER A 120 -16.64 17.91 -9.82
C SER A 120 -16.34 18.34 -8.39
N THR A 121 -15.14 18.85 -8.17
CA THR A 121 -14.66 19.23 -6.84
C THR A 121 -15.69 20.04 -6.09
N LYS A 122 -16.06 19.56 -4.90
CA LYS A 122 -17.09 20.18 -4.07
C LYS A 122 -16.72 20.00 -2.60
N GLY A 123 -16.78 21.08 -1.84
CA GLY A 123 -16.52 20.99 -0.42
C GLY A 123 -17.70 20.38 0.30
N PRO A 124 -17.50 19.98 1.56
CA PRO A 124 -18.56 19.28 2.29
C PRO A 124 -19.54 20.19 3.01
N SER A 125 -20.75 19.68 3.14
CA SER A 125 -21.71 20.16 4.13
C SER A 125 -21.39 19.47 5.46
N VAL A 126 -21.52 20.22 6.55
CA VAL A 126 -21.15 19.71 7.85
C VAL A 126 -22.35 19.85 8.76
N PHE A 127 -22.89 18.72 9.21
CA PHE A 127 -24.03 18.67 10.11
C PHE A 127 -23.61 18.18 11.49
N PRO A 128 -24.26 18.67 12.53
CA PRO A 128 -23.89 18.22 13.88
C PRO A 128 -24.52 16.88 14.20
N LEU A 129 -23.77 16.08 14.94
CA LEU A 129 -24.28 14.88 15.59
C LEU A 129 -24.38 15.22 17.07
N ALA A 130 -25.59 15.58 17.51
CA ALA A 130 -25.78 16.20 18.82
C ALA A 130 -25.91 15.15 19.91
N PRO A 131 -25.40 15.44 21.12
CA PRO A 131 -25.58 14.50 22.24
C PRO A 131 -27.00 14.53 22.78
N SER A 132 -27.43 13.38 23.33
CA SER A 132 -28.76 13.21 23.90
C SER A 132 -29.01 14.13 25.11
N GLY A 138 -21.89 5.15 32.68
CA GLY A 138 -23.12 5.77 32.22
C GLY A 138 -23.05 7.28 31.98
N GLY A 139 -21.96 7.90 32.43
CA GLY A 139 -21.76 9.32 32.22
C GLY A 139 -20.76 9.71 31.13
N THR A 140 -20.67 8.96 30.02
CA THR A 140 -20.03 9.45 28.80
C THR A 140 -21.04 9.89 27.77
N ALA A 141 -20.71 10.96 27.06
CA ALA A 141 -21.48 11.44 25.94
C ALA A 141 -20.66 11.32 24.66
N ALA A 142 -21.37 11.12 23.56
CA ALA A 142 -20.75 11.10 22.26
C ALA A 142 -21.38 12.20 21.46
N LEU A 143 -20.55 12.92 20.71
CA LEU A 143 -21.01 13.93 19.79
C LEU A 143 -20.06 13.91 18.60
N GLY A 144 -20.47 14.55 17.50
CA GLY A 144 -19.69 14.46 16.29
C GLY A 144 -20.11 15.45 15.22
N CYS A 145 -19.44 15.34 14.07
CA CYS A 145 -19.74 16.09 12.87
C CYS A 145 -19.88 15.09 11.73
N LEU A 146 -21.01 15.16 11.00
CA LEU A 146 -21.17 14.43 9.75
C LEU A 146 -20.63 15.33 8.63
N VAL A 147 -19.55 14.90 7.99
CA VAL A 147 -18.89 15.66 6.95
C VAL A 147 -19.30 15.04 5.62
N LYS A 148 -20.28 15.66 4.95
CA LYS A 148 -21.05 14.97 3.92
C LYS A 148 -20.98 15.66 2.56
N ASP A 149 -20.83 14.85 1.52
CA ASP A 149 -21.02 15.20 0.11
C ASP A 149 -19.92 16.12 -0.42
N TYR A 150 -18.67 15.65 -0.31
CA TYR A 150 -17.51 16.39 -0.77
C TYR A 150 -16.72 15.57 -1.77
N PHE A 151 -15.93 16.28 -2.58
CA PHE A 151 -15.14 15.62 -3.59
C PHE A 151 -14.00 16.53 -3.99
N PRO A 152 -12.78 16.01 -4.18
CA PRO A 152 -12.38 14.63 -3.95
C PRO A 152 -11.89 14.43 -2.52
N GLU A 153 -11.31 13.27 -2.23
CA GLU A 153 -10.57 13.07 -0.99
C GLU A 153 -9.26 13.85 -1.05
N PRO A 154 -8.65 14.17 0.11
CA PRO A 154 -9.05 13.87 1.48
C PRO A 154 -9.78 15.02 2.12
N VAL A 155 -10.10 14.86 3.40
CA VAL A 155 -10.57 15.97 4.20
C VAL A 155 -9.96 15.77 5.58
N THR A 156 -9.65 16.88 6.24
CA THR A 156 -9.09 16.81 7.59
C THR A 156 -10.08 17.44 8.57
N VAL A 157 -10.23 16.76 9.72
CA VAL A 157 -11.15 17.15 10.78
C VAL A 157 -10.35 17.21 12.06
N SER A 158 -10.33 18.37 12.70
CA SER A 158 -9.83 18.53 14.04
C SER A 158 -10.98 19.01 14.92
N TRP A 159 -10.80 18.94 16.23
CA TRP A 159 -11.80 19.42 17.15
C TRP A 159 -11.21 20.55 17.99
N ASN A 160 -12.04 21.53 18.31
CA ASN A 160 -11.67 22.65 19.18
C ASN A 160 -10.28 23.17 18.85
N SER A 161 -10.05 23.38 17.55
CA SER A 161 -8.80 23.89 17.01
C SER A 161 -7.61 23.02 17.42
N GLY A 162 -7.82 21.71 17.53
CA GLY A 162 -6.77 20.78 17.86
C GLY A 162 -6.56 20.57 19.34
N ALA A 163 -7.15 21.42 20.18
CA ALA A 163 -7.03 21.22 21.61
C ALA A 163 -7.64 19.91 22.05
N LEU A 164 -8.59 19.39 21.31
CA LEU A 164 -9.29 18.18 21.71
C LEU A 164 -8.81 17.08 20.78
N THR A 165 -7.97 16.19 21.31
CA THR A 165 -7.55 15.01 20.57
C THR A 165 -7.90 13.70 21.27
N SER A 166 -7.83 13.68 22.59
CA SER A 166 -8.18 12.47 23.31
C SER A 166 -9.67 12.17 23.12
N GLY A 167 -9.97 10.98 22.62
CA GLY A 167 -11.33 10.52 22.44
C GLY A 167 -11.83 10.50 21.00
N VAL A 168 -11.08 11.09 20.07
CA VAL A 168 -11.57 11.42 18.73
C VAL A 168 -11.40 10.23 17.81
N HIS A 169 -12.38 10.05 16.93
CA HIS A 169 -12.35 9.04 15.88
C HIS A 169 -12.85 9.71 14.61
N THR A 170 -11.98 9.90 13.64
CA THR A 170 -12.42 10.40 12.34
C THR A 170 -12.44 9.22 11.38
N PHE A 171 -13.61 8.88 10.90
CA PHE A 171 -13.73 7.62 10.18
C PHE A 171 -13.21 7.75 8.76
N PRO A 172 -12.78 6.64 8.16
CA PRO A 172 -12.47 6.67 6.71
C PRO A 172 -13.71 7.04 5.91
N ALA A 173 -13.53 7.93 4.93
CA ALA A 173 -14.62 8.27 4.03
C ALA A 173 -15.21 7.01 3.40
N VAL A 174 -16.49 7.08 3.06
CA VAL A 174 -17.13 6.11 2.18
C VAL A 174 -17.59 6.85 0.94
N LEU A 175 -17.69 6.12 -0.17
CA LEU A 175 -18.05 6.68 -1.47
C LEU A 175 -19.50 6.34 -1.73
N GLN A 176 -20.34 7.37 -1.93
CA GLN A 176 -21.77 7.12 -1.98
C GLN A 176 -22.24 6.95 -3.42
N SER A 177 -23.47 6.41 -3.56
CA SER A 177 -24.17 6.26 -4.83
C SER A 177 -23.84 7.42 -5.76
N SER A 178 -23.85 8.63 -5.20
CA SER A 178 -23.83 9.89 -5.93
C SER A 178 -22.46 10.26 -6.50
N GLY A 179 -21.38 9.59 -6.08
CA GLY A 179 -20.06 9.96 -6.50
C GLY A 179 -19.32 10.85 -5.53
N LEU A 180 -19.99 11.28 -4.46
CA LEU A 180 -19.42 12.14 -3.44
C LEU A 180 -19.04 11.33 -2.21
N TYR A 181 -18.05 11.84 -1.49
CA TYR A 181 -17.60 11.20 -0.26
C TYR A 181 -18.38 11.74 0.93
N SER A 182 -18.42 10.95 1.98
CA SER A 182 -19.11 11.27 3.21
C SER A 182 -18.37 10.56 4.34
N LEU A 183 -18.24 11.25 5.47
CA LEU A 183 -17.56 10.69 6.64
C LEU A 183 -18.13 11.34 7.88
N SER A 184 -18.02 10.67 9.02
CA SER A 184 -18.30 11.30 10.30
C SER A 184 -17.03 11.35 11.12
N SER A 185 -16.86 12.43 11.87
CA SER A 185 -15.88 12.46 12.96
C SER A 185 -16.64 12.60 14.29
N VAL A 186 -16.32 11.73 15.26
CA VAL A 186 -16.95 11.74 16.56
C VAL A 186 -15.89 11.87 17.64
N VAL A 187 -16.36 12.22 18.84
CA VAL A 187 -15.52 12.30 20.02
C VAL A 187 -16.39 11.93 21.23
N THR A 188 -15.82 11.19 22.16
CA THR A 188 -16.49 10.95 23.43
C THR A 188 -15.86 11.82 24.50
N VAL A 189 -16.69 12.14 25.48
CA VAL A 189 -16.52 13.35 26.27
C VAL A 189 -17.28 13.12 27.56
N PRO A 190 -16.81 13.63 28.69
CA PRO A 190 -17.54 13.38 29.93
C PRO A 190 -18.90 14.04 29.84
N SER A 191 -19.95 13.28 30.16
CA SER A 191 -21.29 13.84 30.02
C SER A 191 -21.44 15.14 30.79
N SER A 192 -20.70 15.32 31.89
CA SER A 192 -20.87 16.54 32.70
C SER A 192 -20.35 17.77 31.98
N SER A 193 -19.39 17.60 31.06
CA SER A 193 -18.76 18.71 30.38
C SER A 193 -19.61 19.32 29.27
N LEU A 194 -20.76 18.72 28.96
CA LEU A 194 -21.55 19.23 27.85
C LEU A 194 -22.03 20.65 28.11
N GLY A 195 -22.54 20.91 29.30
CA GLY A 195 -23.04 22.25 29.56
C GLY A 195 -22.01 23.27 30.04
N THR A 196 -20.72 23.02 29.80
CA THR A 196 -19.65 23.90 30.25
C THR A 196 -18.51 24.00 29.26
N GLN A 197 -18.37 23.05 28.34
CA GLN A 197 -17.32 23.04 27.34
C GLN A 197 -17.95 23.21 25.96
N THR A 198 -17.29 23.99 25.12
CA THR A 198 -17.75 24.28 23.78
C THR A 198 -17.05 23.34 22.82
N TYR A 199 -17.80 22.75 21.89
CA TYR A 199 -17.24 21.75 20.98
C TYR A 199 -17.48 22.21 19.54
N ILE A 200 -16.40 22.50 18.83
CA ILE A 200 -16.47 22.85 17.42
C ILE A 200 -15.54 21.92 16.66
N CYS A 201 -16.06 21.27 15.63
CA CYS A 201 -15.22 20.52 14.72
C CYS A 201 -14.77 21.47 13.62
N ASN A 202 -13.49 21.34 13.24
CA ASN A 202 -12.87 22.15 12.22
C ASN A 202 -12.62 21.25 11.02
N VAL A 203 -13.41 21.45 9.98
CA VAL A 203 -13.38 20.60 8.79
C VAL A 203 -12.64 21.36 7.71
N ASN A 204 -11.66 20.72 7.10
CA ASN A 204 -10.84 21.37 6.10
C ASN A 204 -10.75 20.47 4.88
N HIS A 205 -11.27 20.96 3.75
CA HIS A 205 -11.21 20.28 2.47
C HIS A 205 -10.32 21.11 1.56
N LYS A 206 -9.06 20.72 1.47
CA LYS A 206 -8.07 21.48 0.70
C LYS A 206 -8.49 21.60 -0.75
N PRO A 207 -8.87 20.52 -1.46
CA PRO A 207 -9.19 20.62 -2.89
C PRO A 207 -10.18 21.70 -3.29
N SER A 208 -11.03 22.18 -2.39
CA SER A 208 -11.94 23.27 -2.74
C SER A 208 -11.71 24.53 -1.92
N ASN A 209 -10.69 24.55 -1.05
CA ASN A 209 -10.37 25.71 -0.19
C ASN A 209 -11.50 26.04 0.77
N THR A 210 -12.21 25.03 1.23
CA THR A 210 -13.30 25.23 2.16
C THR A 210 -12.84 24.78 3.54
N LYS A 211 -12.94 25.71 4.50
CA LYS A 211 -12.78 25.46 5.92
C LYS A 211 -14.13 25.75 6.57
N VAL A 212 -14.70 24.77 7.26
CA VAL A 212 -15.96 24.95 7.97
C VAL A 212 -15.72 24.64 9.45
N ASP A 213 -16.33 25.44 10.31
CA ASP A 213 -16.37 25.20 11.75
C ASP A 213 -17.82 25.02 12.15
N LYS A 214 -18.15 23.89 12.79
CA LYS A 214 -19.51 23.66 13.25
C LYS A 214 -19.49 23.44 14.76
N ARG A 215 -20.26 24.24 15.48
CA ARG A 215 -20.40 24.03 16.91
C ARG A 215 -21.48 22.97 17.14
N VAL A 216 -21.18 21.99 17.98
CA VAL A 216 -22.11 20.91 18.27
C VAL A 216 -22.64 21.12 19.68
N GLU A 217 -23.91 21.49 19.77
CA GLU A 217 -24.65 21.78 20.97
C GLU A 217 -25.54 20.61 21.36
N PRO A 218 -25.82 20.43 22.64
CA PRO A 218 -26.73 19.35 23.05
C PRO A 218 -28.18 19.57 22.63
N LYS A 219 -29.07 18.71 23.14
CA LYS A 219 -30.53 18.83 22.98
C LYS A 219 -31.02 20.27 23.22
N GLU B 1 0.68 -15.18 -15.10
CA GLU B 1 1.10 -14.45 -13.93
C GLU B 1 1.21 -15.37 -12.72
N ILE B 2 2.24 -15.14 -11.89
CA ILE B 2 2.40 -15.87 -10.65
C ILE B 2 1.57 -15.20 -9.56
N VAL B 3 0.45 -15.83 -9.19
CA VAL B 3 -0.49 -15.23 -8.23
C VAL B 3 -0.09 -15.53 -6.78
N LEU B 4 0.09 -14.49 -5.98
CA LEU B 4 0.50 -14.64 -4.59
C LEU B 4 -0.68 -14.41 -3.65
N THR B 5 -0.79 -15.27 -2.64
CA THR B 5 -1.97 -15.40 -1.79
C THR B 5 -1.52 -15.42 -0.33
N GLN B 6 -2.08 -14.55 0.51
CA GLN B 6 -1.50 -14.50 1.84
C GLN B 6 -2.48 -14.96 2.91
N SER B 7 -1.90 -15.25 4.07
CA SER B 7 -2.64 -15.88 5.15
C SER B 7 -1.94 -15.60 6.47
N PRO B 8 -2.69 -15.24 7.53
CA PRO B 8 -4.13 -14.98 7.47
C PRO B 8 -4.39 -13.56 7.02
N GLY B 9 -5.65 -13.16 6.77
CA GLY B 9 -5.97 -11.76 6.55
C GLY B 9 -5.49 -10.90 7.70
N THR B 10 -5.82 -11.28 8.93
CA THR B 10 -5.34 -10.55 10.09
C THR B 10 -4.79 -11.53 11.10
N LEU B 11 -3.59 -11.24 11.59
CA LEU B 11 -2.92 -12.02 12.61
C LEU B 11 -2.98 -11.23 13.91
N SER B 12 -3.55 -11.83 14.97
CA SER B 12 -3.81 -11.13 16.23
C SER B 12 -2.85 -11.61 17.30
N LEU B 13 -1.89 -10.78 17.66
CA LEU B 13 -0.85 -11.18 18.60
C LEU B 13 -0.55 -10.06 19.58
N SER B 14 0.02 -10.42 20.69
CA SER B 14 0.44 -9.43 21.67
C SER B 14 1.93 -9.14 21.52
N PRO B 15 2.37 -7.95 21.91
CA PRO B 15 3.80 -7.63 21.81
C PRO B 15 4.64 -8.70 22.50
N GLY B 16 5.80 -9.00 21.92
CA GLY B 16 6.69 -10.00 22.49
C GLY B 16 6.49 -11.39 21.91
N GLU B 17 5.29 -11.69 21.43
CA GLU B 17 5.02 -12.97 20.79
C GLU B 17 5.68 -13.04 19.42
N ARG B 18 5.65 -14.24 18.85
CA ARG B 18 6.27 -14.53 17.57
C ARG B 18 5.17 -14.63 16.52
N ALA B 19 5.41 -14.01 15.37
CA ALA B 19 4.44 -13.92 14.29
C ALA B 19 4.99 -14.68 13.09
N THR B 20 4.19 -15.61 12.57
CA THR B 20 4.54 -16.25 11.32
C THR B 20 3.44 -15.94 10.34
N LEU B 21 3.79 -15.23 9.28
CA LEU B 21 2.86 -14.86 8.21
C LEU B 21 3.15 -15.74 7.01
N SER B 22 2.12 -16.03 6.21
CA SER B 22 2.28 -16.95 5.09
C SER B 22 2.07 -16.27 3.75
N CYS B 23 2.79 -16.78 2.75
CA CYS B 23 2.64 -16.33 1.37
C CYS B 23 2.69 -17.57 0.49
N ARG B 24 1.72 -17.71 -0.41
CA ARG B 24 1.58 -18.90 -1.23
C ARG B 24 1.61 -18.51 -2.71
N ALA B 25 2.41 -19.22 -3.48
CA ALA B 25 2.50 -18.94 -4.91
C ALA B 25 1.66 -19.95 -5.69
N SER B 26 1.10 -19.49 -6.81
CA SER B 26 0.38 -20.37 -7.71
C SER B 26 1.33 -21.24 -8.52
N GLN B 27 2.61 -20.88 -8.56
CA GLN B 27 3.63 -21.66 -9.25
C GLN B 27 4.80 -21.82 -8.30
N GLU B 28 5.85 -22.50 -8.75
CA GLU B 28 7.02 -22.69 -7.92
C GLU B 28 7.94 -21.49 -8.06
N VAL B 29 8.08 -20.73 -6.98
CA VAL B 29 8.94 -19.56 -6.94
C VAL B 29 10.21 -19.91 -6.18
N GLY B 30 11.33 -19.37 -6.65
CA GLY B 30 12.59 -19.64 -6.00
C GLY B 30 12.70 -18.88 -4.68
N GLU B 31 13.30 -19.55 -3.68
CA GLU B 31 13.39 -18.97 -2.35
C GLU B 31 14.02 -17.58 -2.35
N SER B 32 14.97 -17.35 -3.25
CA SER B 32 15.65 -16.06 -3.36
C SER B 32 14.92 -15.07 -4.27
N GLU B 33 13.66 -15.35 -4.63
CA GLU B 33 12.88 -14.50 -5.52
C GLU B 33 11.76 -13.75 -4.82
N LEU B 34 11.64 -13.88 -3.50
CA LEU B 34 10.54 -13.27 -2.75
C LEU B 34 11.00 -12.07 -1.95
N ALA B 35 10.11 -11.11 -1.79
CA ALA B 35 10.38 -9.92 -1.00
C ALA B 35 9.20 -9.67 -0.09
N TRP B 36 9.47 -9.04 1.05
CA TRP B 36 8.43 -8.64 1.97
C TRP B 36 8.48 -7.14 2.18
N TYR B 37 7.30 -6.52 2.25
CA TYR B 37 7.18 -5.09 2.49
C TYR B 37 6.29 -4.84 3.69
N GLN B 38 6.59 -3.78 4.43
CA GLN B 38 5.79 -3.31 5.54
C GLN B 38 5.08 -2.02 5.17
N GLN B 39 3.81 -1.90 5.55
CA GLN B 39 3.08 -0.67 5.30
C GLN B 39 2.29 -0.31 6.55
N LYS B 40 2.33 0.98 6.93
CA LYS B 40 1.55 1.54 8.03
C LYS B 40 0.52 2.53 7.46
N PRO B 41 -0.63 2.73 8.10
CA PRO B 41 -1.70 3.52 7.45
C PRO B 41 -1.24 4.92 7.06
N GLY B 42 -1.63 5.34 5.86
CA GLY B 42 -1.19 6.62 5.34
C GLY B 42 0.25 6.73 4.89
N GLN B 43 1.07 5.67 4.98
CA GLN B 43 2.46 5.75 4.57
C GLN B 43 2.72 4.86 3.37
N ALA B 44 3.77 5.20 2.64
CA ALA B 44 4.21 4.28 1.60
C ALA B 44 4.71 2.99 2.23
N PRO B 45 4.65 1.88 1.52
CA PRO B 45 5.27 0.65 2.03
C PRO B 45 6.76 0.76 1.91
N ARG B 46 7.49 0.01 2.76
CA ARG B 46 8.95 -0.07 2.71
C ARG B 46 9.40 -1.53 2.70
N LEU B 47 10.59 -1.77 2.18
CA LEU B 47 11.09 -3.14 2.01
C LEU B 47 11.71 -3.64 3.32
N LEU B 48 11.33 -4.86 3.76
CA LEU B 48 11.99 -5.47 4.93
C LEU B 48 13.08 -6.42 4.49
N ILE B 49 12.66 -7.58 3.98
CA ILE B 49 13.57 -8.65 3.66
C ILE B 49 13.30 -9.10 2.24
N TYR B 50 14.29 -9.76 1.66
CA TYR B 50 14.22 -10.21 0.28
C TYR B 50 15.31 -11.25 0.08
N GLY B 51 15.28 -11.89 -1.07
CA GLY B 51 16.26 -12.94 -1.31
C GLY B 51 16.07 -14.11 -0.36
N ALA B 52 17.14 -14.91 -0.24
CA ALA B 52 17.06 -16.09 0.63
C ALA B 52 17.39 -15.73 2.06
N PHE B 53 18.30 -14.80 2.25
CA PHE B 53 18.69 -14.43 3.60
C PHE B 53 18.88 -12.93 3.76
N SER B 54 18.71 -12.15 2.70
CA SER B 54 19.06 -10.74 2.73
C SER B 54 17.99 -9.92 3.45
N ARG B 55 18.40 -8.72 3.88
CA ARG B 55 17.52 -7.87 4.65
C ARG B 55 17.85 -6.41 4.32
N ALA B 56 16.82 -5.61 4.09
CA ALA B 56 16.99 -4.23 3.66
C ALA B 56 17.60 -3.39 4.77
N THR B 57 18.13 -2.22 4.40
CA THR B 57 18.92 -1.41 5.32
C THR B 57 18.07 -0.90 6.47
N GLY B 58 18.57 -1.09 7.69
CA GLY B 58 17.88 -0.64 8.88
C GLY B 58 16.78 -1.56 9.39
N ILE B 59 16.44 -2.62 8.68
CA ILE B 59 15.50 -3.61 9.21
C ILE B 59 16.23 -4.49 10.22
N PRO B 60 15.66 -4.74 11.41
CA PRO B 60 16.34 -5.56 12.42
C PRO B 60 16.20 -7.06 12.17
N ASP B 61 17.03 -7.83 12.88
CA ASP B 61 17.18 -9.26 12.63
C ASP B 61 16.06 -10.11 13.23
N ARG B 62 15.08 -9.51 13.90
CA ARG B 62 13.91 -10.30 14.24
C ARG B 62 13.05 -10.61 13.02
N PHE B 63 13.29 -9.93 11.90
CA PHE B 63 12.60 -10.17 10.63
C PHE B 63 13.39 -11.17 9.78
N SER B 64 12.73 -12.25 9.37
CA SER B 64 13.44 -13.30 8.68
C SER B 64 12.46 -14.15 7.88
N GLY B 65 12.93 -14.70 6.75
CA GLY B 65 12.06 -15.37 5.81
C GLY B 65 12.56 -16.75 5.45
N SER B 66 11.63 -17.60 5.03
CA SER B 66 11.94 -18.98 4.69
C SER B 66 10.87 -19.52 3.75
N GLY B 67 11.10 -20.75 3.29
CA GLY B 67 10.15 -21.49 2.50
C GLY B 67 10.66 -21.68 1.08
N SER B 68 10.15 -22.72 0.43
CA SER B 68 10.57 -23.08 -0.91
C SER B 68 9.35 -23.41 -1.74
N GLY B 69 9.44 -23.05 -3.02
CA GLY B 69 8.52 -23.53 -4.02
C GLY B 69 7.17 -22.85 -4.00
N THR B 70 6.31 -23.26 -3.09
CA THR B 70 4.92 -22.83 -3.08
C THR B 70 4.52 -22.10 -1.82
N ASP B 71 5.16 -22.40 -0.70
CA ASP B 71 4.74 -21.96 0.61
C ASP B 71 5.90 -21.21 1.26
N PHE B 72 5.76 -19.90 1.42
CA PHE B 72 6.74 -19.06 2.06
C PHE B 72 6.17 -18.49 3.34
N THR B 73 7.06 -18.08 4.25
CA THR B 73 6.62 -17.49 5.50
C THR B 73 7.59 -16.41 5.93
N LEU B 74 7.04 -15.37 6.57
CA LEU B 74 7.82 -14.33 7.22
C LEU B 74 7.63 -14.49 8.71
N THR B 75 8.75 -14.59 9.43
CA THR B 75 8.77 -14.76 10.87
C THR B 75 9.21 -13.46 11.52
N ILE B 76 8.43 -12.98 12.48
CA ILE B 76 8.83 -11.86 13.32
C ILE B 76 9.11 -12.47 14.69
N SER B 77 10.38 -12.66 15.01
CA SER B 77 10.71 -13.54 16.13
C SER B 77 10.15 -12.99 17.44
N ARG B 78 10.21 -11.68 17.65
CA ARG B 78 9.58 -11.10 18.83
C ARG B 78 8.98 -9.75 18.44
N LEU B 79 7.65 -9.68 18.47
CA LEU B 79 6.94 -8.51 17.96
C LEU B 79 7.23 -7.30 18.84
N GLU B 80 7.69 -6.23 18.23
CA GLU B 80 7.77 -4.94 18.88
C GLU B 80 6.52 -4.13 18.58
N PRO B 81 6.26 -3.08 19.35
CA PRO B 81 5.09 -2.22 19.03
C PRO B 81 5.08 -1.69 17.61
N GLU B 82 6.22 -1.17 17.12
CA GLU B 82 6.33 -0.64 15.76
C GLU B 82 6.18 -1.70 14.66
N ASP B 83 5.93 -2.96 15.02
CA ASP B 83 5.81 -4.01 14.03
C ASP B 83 4.37 -4.37 13.71
N PHE B 84 3.41 -3.80 14.41
CA PHE B 84 2.00 -4.01 14.07
C PHE B 84 1.65 -3.14 12.89
N ALA B 85 1.42 -3.80 11.76
CA ALA B 85 1.30 -3.16 10.47
C ALA B 85 0.77 -4.22 9.52
N VAL B 86 0.62 -3.82 8.25
CA VAL B 86 0.27 -4.76 7.19
C VAL B 86 1.53 -5.16 6.43
N TYR B 87 1.62 -6.45 6.09
CA TYR B 87 2.76 -7.02 5.36
C TYR B 87 2.31 -7.63 4.04
N TYR B 88 3.11 -7.38 2.99
CA TYR B 88 2.85 -7.84 1.62
C TYR B 88 4.06 -8.65 1.17
N CYS B 89 3.80 -9.82 0.58
CA CYS B 89 4.89 -10.48 -0.10
C CYS B 89 4.87 -10.06 -1.56
N GLN B 90 5.95 -10.38 -2.27
CA GLN B 90 6.06 -10.04 -3.67
C GLN B 90 7.09 -10.94 -4.31
N GLN B 91 6.79 -11.48 -5.50
CA GLN B 91 7.82 -12.23 -6.22
C GLN B 91 8.41 -11.32 -7.29
N TYR B 92 9.71 -11.47 -7.55
CA TYR B 92 10.34 -10.60 -8.53
C TYR B 92 11.26 -11.36 -9.47
N GLY B 93 10.97 -12.64 -9.70
CA GLY B 93 11.78 -13.46 -10.57
C GLY B 93 11.28 -13.43 -12.00
N SER B 94 10.03 -13.02 -12.21
CA SER B 94 9.49 -12.98 -13.55
C SER B 94 8.33 -11.99 -13.60
N SER B 95 7.89 -11.72 -14.78
CA SER B 95 6.96 -10.60 -14.89
C SER B 95 5.57 -11.10 -15.29
N PRO B 96 4.50 -10.47 -14.80
CA PRO B 96 4.50 -9.26 -13.98
C PRO B 96 4.93 -9.50 -12.54
N TRP B 97 5.47 -8.43 -11.96
CA TRP B 97 5.73 -8.36 -10.53
C TRP B 97 4.39 -8.39 -9.81
N THR B 98 4.21 -9.37 -8.94
CA THR B 98 2.94 -9.60 -8.30
C THR B 98 3.11 -9.60 -6.80
N PHE B 99 2.05 -9.12 -6.12
CA PHE B 99 2.03 -8.95 -4.67
C PHE B 99 0.96 -9.83 -4.05
N GLY B 100 1.18 -10.26 -2.84
CA GLY B 100 0.08 -10.84 -2.10
C GLY B 100 -0.90 -9.76 -1.70
N GLN B 101 -2.06 -10.17 -1.21
CA GLN B 101 -3.08 -9.16 -0.90
C GLN B 101 -2.94 -8.62 0.52
N GLY B 102 -1.90 -8.96 1.24
CA GLY B 102 -1.59 -8.33 2.50
C GLY B 102 -2.08 -9.12 3.70
N THR B 103 -1.31 -9.06 4.78
CA THR B 103 -1.69 -9.59 6.09
C THR B 103 -1.54 -8.49 7.14
N LYS B 104 -2.60 -8.23 7.89
CA LYS B 104 -2.56 -7.25 8.96
C LYS B 104 -2.09 -7.92 10.22
N VAL B 105 -1.10 -7.36 10.89
CA VAL B 105 -0.73 -7.84 12.21
C VAL B 105 -1.30 -6.86 13.22
N GLU B 106 -2.37 -7.26 13.91
CA GLU B 106 -3.08 -6.38 14.84
C GLU B 106 -2.73 -6.79 16.26
N ILE B 107 -2.84 -5.84 17.20
CA ILE B 107 -2.63 -6.18 18.60
C ILE B 107 -3.85 -6.92 19.09
N LYS B 108 -3.64 -8.10 19.63
CA LYS B 108 -4.66 -8.79 20.37
C LYS B 108 -4.75 -8.19 21.77
N ARG B 109 -5.96 -7.88 22.23
CA ARG B 109 -6.20 -7.41 23.59
C ARG B 109 -7.43 -8.14 24.13
N THR B 110 -7.81 -7.84 25.37
CA THR B 110 -9.01 -8.46 25.92
C THR B 110 -10.25 -7.95 25.20
N VAL B 111 -11.34 -8.72 25.32
CA VAL B 111 -12.58 -8.34 24.66
C VAL B 111 -13.16 -7.12 25.36
N ALA B 112 -13.61 -6.14 24.55
CA ALA B 112 -14.27 -4.94 25.04
C ALA B 112 -15.54 -4.74 24.24
N ALA B 113 -16.66 -4.66 24.93
CA ALA B 113 -17.89 -4.45 24.21
C ALA B 113 -17.97 -2.98 23.79
N PRO B 114 -18.67 -2.68 22.70
CA PRO B 114 -18.75 -1.30 22.24
C PRO B 114 -19.75 -0.52 23.08
N SER B 115 -19.53 0.79 23.16
CA SER B 115 -20.55 1.68 23.68
C SER B 115 -21.27 2.19 22.46
N VAL B 116 -22.61 2.20 22.50
CA VAL B 116 -23.42 2.47 21.32
C VAL B 116 -24.19 3.78 21.52
N PHE B 117 -24.16 4.63 20.48
CA PHE B 117 -24.81 5.93 20.46
C PHE B 117 -25.47 6.09 19.10
N ILE B 118 -26.70 6.61 19.07
CA ILE B 118 -27.45 6.79 17.84
C ILE B 118 -27.74 8.26 17.67
N PHE B 119 -27.44 8.83 16.51
CA PHE B 119 -27.65 10.26 16.31
C PHE B 119 -28.71 10.50 15.24
N PRO B 120 -29.81 11.19 15.55
CA PRO B 120 -30.79 11.49 14.54
C PRO B 120 -30.24 12.55 13.60
N PRO B 121 -30.81 12.68 12.39
CA PRO B 121 -30.35 13.74 11.47
C PRO B 121 -30.49 15.12 12.10
N SER B 122 -29.54 15.99 11.78
CA SER B 122 -29.64 17.40 12.12
C SER B 122 -30.88 18.03 11.52
N ASP B 123 -31.45 19.01 12.23
CA ASP B 123 -32.44 19.90 11.62
C ASP B 123 -31.91 20.52 10.33
N GLU B 124 -30.66 21.01 10.35
CA GLU B 124 -30.03 21.56 9.16
C GLU B 124 -30.16 20.60 7.99
N GLN B 125 -29.67 19.36 8.15
CA GLN B 125 -29.69 18.42 7.03
C GLN B 125 -31.10 18.11 6.56
N LEU B 126 -32.05 17.90 7.49
CA LEU B 126 -33.42 17.58 7.09
C LEU B 126 -33.95 18.63 6.12
N LYS B 127 -33.78 19.91 6.45
CA LYS B 127 -34.14 21.03 5.57
C LYS B 127 -33.75 20.80 4.11
N SER B 128 -32.63 20.11 3.87
CA SER B 128 -32.12 19.88 2.52
C SER B 128 -32.71 18.65 1.84
N GLY B 129 -33.69 17.96 2.46
CA GLY B 129 -34.33 16.81 1.86
C GLY B 129 -33.70 15.45 2.09
N THR B 130 -32.62 15.34 2.84
CA THR B 130 -32.02 14.05 3.17
C THR B 130 -31.91 13.89 4.68
N ALA B 131 -32.08 12.65 5.15
CA ALA B 131 -31.96 12.30 6.55
C ALA B 131 -30.86 11.26 6.65
N SER B 132 -29.83 11.57 7.43
CA SER B 132 -28.74 10.67 7.78
C SER B 132 -28.88 10.31 9.24
N VAL B 133 -29.02 9.02 9.54
CA VAL B 133 -29.10 8.55 10.91
C VAL B 133 -27.81 7.80 11.18
N VAL B 134 -27.10 8.17 12.24
CA VAL B 134 -25.77 7.59 12.48
C VAL B 134 -25.76 6.78 13.77
N CYS B 135 -25.32 5.53 13.66
CA CYS B 135 -25.08 4.66 14.80
C CYS B 135 -23.59 4.48 15.02
N LEU B 136 -23.12 4.70 16.24
CA LEU B 136 -21.70 4.62 16.53
C LEU B 136 -21.45 3.48 17.49
N LEU B 137 -20.57 2.55 17.09
CA LEU B 137 -20.01 1.56 17.99
C LEU B 137 -18.60 2.02 18.33
N ASN B 138 -18.35 2.32 19.61
CA ASN B 138 -17.13 2.99 20.03
C ASN B 138 -16.24 2.05 20.83
N ASN B 139 -14.94 2.09 20.51
CA ASN B 139 -13.85 1.48 21.28
C ASN B 139 -14.19 0.05 21.70
N PHE B 140 -14.21 -0.84 20.72
CA PHE B 140 -14.52 -2.24 20.97
C PHE B 140 -13.45 -3.16 20.38
N TYR B 141 -13.47 -4.42 20.82
CA TYR B 141 -12.52 -5.42 20.33
C TYR B 141 -13.10 -6.79 20.64
N PRO B 142 -13.03 -7.75 19.71
CA PRO B 142 -12.36 -7.62 18.41
C PRO B 142 -13.18 -6.87 17.37
N ARG B 143 -12.66 -6.86 16.15
CA ARG B 143 -13.18 -5.97 15.13
C ARG B 143 -14.55 -6.38 14.64
N GLU B 144 -14.89 -7.67 14.70
CA GLU B 144 -16.11 -8.16 14.08
C GLU B 144 -17.33 -7.72 14.88
N ALA B 145 -18.20 -6.93 14.26
CA ALA B 145 -19.44 -6.48 14.88
C ALA B 145 -20.53 -6.43 13.83
N LYS B 146 -21.78 -6.62 14.28
CA LYS B 146 -22.94 -6.67 13.39
C LYS B 146 -23.96 -5.61 13.81
N VAL B 147 -24.22 -4.66 12.92
CA VAL B 147 -25.17 -3.59 13.13
C VAL B 147 -26.36 -3.84 12.23
N GLN B 148 -27.55 -3.82 12.82
CA GLN B 148 -28.79 -3.94 12.06
C GLN B 148 -29.65 -2.73 12.36
N TRP B 149 -30.30 -2.20 11.32
CA TRP B 149 -31.16 -1.03 11.42
C TRP B 149 -32.62 -1.46 11.40
N LYS B 150 -33.39 -1.00 12.37
CA LYS B 150 -34.83 -1.24 12.37
C LYS B 150 -35.54 0.11 12.28
N VAL B 151 -36.44 0.25 11.32
CA VAL B 151 -37.26 1.44 11.20
C VAL B 151 -38.69 1.01 11.47
N ASP B 152 -39.27 1.51 12.56
CA ASP B 152 -40.53 1.00 13.07
C ASP B 152 -40.46 -0.52 13.19
N ASN B 153 -39.34 -1.00 13.74
CA ASN B 153 -39.11 -2.41 14.02
C ASN B 153 -39.15 -3.27 12.77
N ALA B 154 -38.62 -2.74 11.66
CA ALA B 154 -38.56 -3.44 10.38
C ALA B 154 -37.14 -3.28 9.84
N LEU B 155 -36.42 -4.39 9.74
CA LEU B 155 -35.01 -4.36 9.37
C LEU B 155 -34.82 -3.71 8.02
N GLN B 156 -33.83 -2.83 7.91
CA GLN B 156 -33.55 -2.20 6.64
C GLN B 156 -32.54 -3.04 5.86
N SER B 157 -32.61 -2.95 4.53
CA SER B 157 -31.64 -3.55 3.62
C SER B 157 -31.19 -2.51 2.61
N GLY B 158 -29.90 -2.51 2.31
CA GLY B 158 -29.41 -1.77 1.18
C GLY B 158 -29.35 -0.26 1.33
N ASN B 159 -29.62 0.27 2.52
CA ASN B 159 -29.64 1.72 2.71
C ASN B 159 -28.76 2.15 3.87
N SER B 160 -27.71 1.39 4.15
CA SER B 160 -26.70 1.73 5.15
C SER B 160 -25.30 1.61 4.57
N GLN B 161 -24.36 2.36 5.16
CA GLN B 161 -22.94 2.17 4.91
C GLN B 161 -22.21 2.16 6.24
N GLU B 162 -21.27 1.23 6.39
CA GLU B 162 -20.41 1.10 7.57
C GLU B 162 -19.01 1.62 7.27
N SER B 163 -18.27 1.88 8.34
CA SER B 163 -16.91 2.39 8.20
C SER B 163 -16.18 2.20 9.52
N VAL B 164 -14.98 1.62 9.48
CA VAL B 164 -14.25 1.21 10.69
C VAL B 164 -12.93 1.96 10.75
N THR B 165 -12.54 2.38 11.95
CA THR B 165 -11.29 3.09 12.16
C THR B 165 -10.12 2.11 12.22
N GLU B 166 -8.91 2.65 12.06
CA GLU B 166 -7.76 1.81 12.28
C GLU B 166 -7.68 1.49 13.77
N GLN B 167 -7.00 0.42 14.10
CA GLN B 167 -6.91 0.04 15.49
C GLN B 167 -6.25 1.17 16.28
N ASP B 168 -6.84 1.51 17.43
CA ASP B 168 -6.31 2.62 18.22
C ASP B 168 -4.90 2.32 18.69
N SER B 169 -4.06 3.36 18.71
CA SER B 169 -2.67 3.17 19.10
C SER B 169 -2.49 3.04 20.60
N LYS B 170 -3.48 3.40 21.41
CA LYS B 170 -3.35 3.32 22.87
C LYS B 170 -4.16 2.18 23.49
N ASP B 171 -5.46 2.09 23.22
CA ASP B 171 -6.23 1.01 23.83
C ASP B 171 -6.52 -0.17 22.88
N SER B 172 -6.01 -0.13 21.64
CA SER B 172 -6.04 -1.31 20.77
C SER B 172 -7.44 -1.74 20.41
N THR B 173 -8.37 -0.79 20.42
CA THR B 173 -9.76 -1.04 20.03
C THR B 173 -10.02 -0.49 18.63
N TYR B 174 -11.22 -0.79 18.15
CA TYR B 174 -11.78 -0.28 16.92
C TYR B 174 -13.04 0.54 17.23
N SER B 175 -13.44 1.37 16.28
CA SER B 175 -14.74 2.02 16.33
C SER B 175 -15.40 1.96 14.96
N LEU B 176 -16.71 1.72 14.96
CA LEU B 176 -17.46 1.56 13.72
C LEU B 176 -18.62 2.54 13.69
N SER B 177 -18.82 3.18 12.53
CA SER B 177 -19.99 4.03 12.30
C SER B 177 -20.82 3.41 11.20
N SER B 178 -22.11 3.23 11.45
CA SER B 178 -23.04 2.76 10.42
C SER B 178 -24.03 3.88 10.16
N THR B 179 -24.07 4.37 8.92
CA THR B 179 -24.92 5.49 8.54
C THR B 179 -26.10 4.98 7.72
N LEU B 180 -27.31 5.31 8.15
CA LEU B 180 -28.52 4.94 7.44
C LEU B 180 -29.05 6.21 6.79
N THR B 181 -29.23 6.17 5.47
CA THR B 181 -29.56 7.37 4.70
C THR B 181 -30.93 7.19 4.06
N LEU B 182 -31.85 8.09 4.38
CA LEU B 182 -33.17 8.09 3.79
C LEU B 182 -33.46 9.47 3.28
N SER B 183 -34.49 9.56 2.43
CA SER B 183 -35.04 10.84 2.03
C SER B 183 -35.80 11.48 3.18
N LYS B 184 -36.02 12.78 3.07
CA LYS B 184 -36.84 13.44 4.08
C LYS B 184 -38.21 12.80 4.15
N ALA B 185 -38.78 12.45 2.99
CA ALA B 185 -40.17 11.98 2.98
C ALA B 185 -40.29 10.63 3.66
N ASP B 186 -39.36 9.70 3.38
CA ASP B 186 -39.41 8.39 4.04
C ASP B 186 -39.13 8.53 5.52
N TYR B 187 -38.18 9.38 5.89
CA TYR B 187 -37.84 9.52 7.30
C TYR B 187 -38.99 10.08 8.10
N GLU B 188 -39.84 10.89 7.50
CA GLU B 188 -40.93 11.46 8.26
C GLU B 188 -42.20 10.60 8.20
N LYS B 189 -42.18 9.52 7.41
CA LYS B 189 -43.26 8.54 7.40
C LYS B 189 -43.20 7.65 8.63
N HIS B 190 -42.02 7.42 9.20
CA HIS B 190 -41.85 6.50 10.29
C HIS B 190 -41.43 7.22 11.56
N LYS B 191 -41.32 6.46 12.64
CA LYS B 191 -41.33 7.04 13.97
C LYS B 191 -40.20 6.51 14.83
N VAL B 192 -40.05 5.20 14.91
CA VAL B 192 -39.04 4.59 15.76
C VAL B 192 -37.84 4.24 14.90
N TYR B 193 -36.68 4.80 15.22
CA TYR B 193 -35.44 4.48 14.53
C TYR B 193 -34.54 3.79 15.53
N ALA B 194 -34.05 2.61 15.18
CA ALA B 194 -33.38 1.79 16.16
C ALA B 194 -32.17 1.14 15.52
N CYS B 195 -31.09 1.09 16.28
CA CYS B 195 -29.84 0.51 15.85
C CYS B 195 -29.57 -0.71 16.73
N GLU B 196 -29.29 -1.87 16.11
CA GLU B 196 -29.21 -3.14 16.84
C GLU B 196 -27.83 -3.76 16.68
N VAL B 197 -27.09 -3.84 17.78
CA VAL B 197 -25.68 -4.18 17.76
C VAL B 197 -25.49 -5.56 18.36
N THR B 198 -24.75 -6.39 17.64
CA THR B 198 -24.32 -7.70 18.12
C THR B 198 -22.80 -7.72 18.13
N HIS B 199 -22.24 -8.22 19.23
CA HIS B 199 -20.80 -8.28 19.39
C HIS B 199 -20.45 -9.39 20.37
N GLN B 200 -19.20 -9.84 20.29
CA GLN B 200 -18.70 -10.88 21.20
C GLN B 200 -18.73 -10.44 22.65
N GLY B 201 -18.65 -9.15 22.92
CA GLY B 201 -18.64 -8.70 24.29
C GLY B 201 -20.00 -8.43 24.86
N LEU B 202 -21.08 -8.73 24.13
CA LEU B 202 -22.42 -8.41 24.57
C LEU B 202 -23.18 -9.72 24.82
N SER B 203 -23.62 -9.92 26.07
CA SER B 203 -24.39 -11.12 26.40
C SER B 203 -25.63 -11.23 25.52
N SER B 204 -26.34 -10.11 25.36
CA SER B 204 -27.53 -9.78 24.58
C SER B 204 -27.16 -8.76 23.52
N PRO B 205 -27.88 -8.74 22.39
CA PRO B 205 -27.75 -7.59 21.47
C PRO B 205 -28.26 -6.32 22.14
N VAL B 206 -27.55 -5.23 21.88
CA VAL B 206 -27.85 -3.92 22.45
C VAL B 206 -28.60 -3.14 21.40
N THR B 207 -29.72 -2.50 21.79
CA THR B 207 -30.49 -1.70 20.87
C THR B 207 -30.53 -0.26 21.36
N LYS B 208 -30.02 0.68 20.57
CA LYS B 208 -30.16 2.10 20.84
C LYS B 208 -31.15 2.66 19.84
N SER B 209 -32.17 3.36 20.33
CA SER B 209 -33.22 3.84 19.44
C SER B 209 -33.63 5.24 19.90
N PHE B 210 -34.34 5.93 19.01
CA PHE B 210 -34.96 7.21 19.32
C PHE B 210 -36.29 7.31 18.59
N ASN B 211 -37.14 8.16 19.12
CA ASN B 211 -38.41 8.49 18.51
C ASN B 211 -38.26 9.83 17.80
N ARG B 212 -38.61 9.88 16.52
CA ARG B 212 -38.49 11.11 15.73
C ARG B 212 -39.27 12.26 16.36
N GLY B 213 -38.56 13.33 16.71
CA GLY B 213 -39.17 14.49 17.37
C GLY B 213 -39.01 14.50 18.89
N GLU B 214 -37.81 14.80 19.38
CA GLU B 214 -37.52 14.82 20.82
C GLU B 214 -36.61 15.96 21.29
N ALA C 2 11.64 -22.31 -11.23
CA ALA C 2 12.33 -21.03 -11.02
C ALA C 2 13.15 -20.61 -12.27
N MET C 3 14.35 -20.07 -12.04
CA MET C 3 15.33 -19.84 -13.09
C MET C 3 16.72 -20.13 -12.51
N HIS C 4 17.61 -20.64 -13.34
CA HIS C 4 18.89 -21.16 -12.88
C HIS C 4 20.00 -20.31 -13.50
N VAL C 5 20.92 -19.84 -12.66
CA VAL C 5 22.15 -19.21 -13.13
C VAL C 5 23.29 -19.92 -12.42
N ALA C 6 24.31 -20.30 -13.18
CA ALA C 6 25.42 -21.09 -12.67
C ALA C 6 26.71 -20.38 -13.05
N GLN C 7 27.58 -20.15 -12.08
CA GLN C 7 28.87 -19.55 -12.31
C GLN C 7 29.91 -20.25 -11.46
N PRO C 8 31.14 -20.42 -11.97
CA PRO C 8 32.21 -21.06 -11.18
C PRO C 8 32.28 -20.57 -9.74
N ALA C 9 32.72 -21.44 -8.83
CA ALA C 9 32.75 -21.07 -7.42
C ALA C 9 33.94 -20.16 -7.10
N VAL C 10 35.08 -20.40 -7.74
CA VAL C 10 36.28 -19.60 -7.51
C VAL C 10 37.13 -19.59 -8.78
N VAL C 11 37.62 -18.40 -9.14
CA VAL C 11 38.53 -18.21 -10.27
C VAL C 11 39.81 -17.58 -9.74
N LEU C 12 40.92 -17.84 -10.45
CA LEU C 12 42.23 -17.28 -10.13
C LEU C 12 42.57 -16.25 -11.19
N ALA C 13 42.75 -14.99 -10.76
CA ALA C 13 42.97 -13.92 -11.72
C ALA C 13 44.40 -13.99 -12.28
N SER C 14 44.67 -13.10 -13.24
CA SER C 14 45.93 -13.10 -13.95
C SER C 14 47.00 -12.39 -13.12
N SER C 15 48.24 -12.53 -13.61
CA SER C 15 49.38 -11.75 -13.14
C SER C 15 49.36 -10.32 -13.69
N ARG C 16 48.48 -10.02 -14.65
CA ARG C 16 48.27 -8.66 -15.15
C ARG C 16 46.93 -8.08 -14.75
N GLY C 17 46.13 -8.79 -13.96
CA GLY C 17 44.85 -8.29 -13.52
C GLY C 17 43.67 -8.66 -14.40
N ILE C 18 43.71 -9.83 -15.05
CA ILE C 18 42.68 -10.26 -15.99
C ILE C 18 42.04 -11.52 -15.42
N ALA C 19 40.74 -11.46 -15.18
CA ALA C 19 39.98 -12.60 -14.67
C ALA C 19 38.82 -12.89 -15.63
N SER C 20 38.60 -14.17 -15.91
CA SER C 20 37.59 -14.58 -16.87
C SER C 20 36.97 -15.90 -16.42
N PHE C 21 35.77 -16.15 -16.94
CA PHE C 21 34.98 -17.35 -16.69
C PHE C 21 33.64 -17.23 -17.42
N VAL C 22 32.96 -18.35 -17.54
CA VAL C 22 31.70 -18.42 -18.27
C VAL C 22 30.57 -18.43 -17.26
N CYS C 23 29.53 -17.63 -17.51
CA CYS C 23 28.30 -17.63 -16.74
C CYS C 23 27.18 -18.25 -17.56
N GLU C 24 26.37 -19.10 -16.93
CA GLU C 24 25.45 -20.00 -17.62
C GLU C 24 24.05 -19.83 -17.08
N TYR C 25 23.06 -19.68 -17.96
CA TYR C 25 21.69 -19.50 -17.51
C TYR C 25 20.76 -20.47 -18.21
N ALA C 26 19.67 -20.79 -17.53
CA ALA C 26 18.67 -21.70 -18.04
C ALA C 26 17.33 -21.27 -17.49
N SER C 27 16.28 -21.45 -18.27
CA SER C 27 15.01 -20.75 -18.07
C SER C 27 13.90 -21.59 -18.66
N PRO C 28 12.64 -21.23 -18.40
CA PRO C 28 11.55 -21.95 -19.07
C PRO C 28 11.37 -21.52 -20.53
N GLY C 29 11.75 -20.28 -20.85
CA GLY C 29 11.58 -19.74 -22.18
C GLY C 29 12.80 -19.96 -23.06
N LYS C 30 12.75 -19.35 -24.24
CA LYS C 30 13.93 -19.27 -25.11
C LYS C 30 14.08 -17.82 -25.54
N ALA C 31 14.77 -17.04 -24.71
CA ALA C 31 14.84 -15.58 -24.84
C ALA C 31 15.87 -15.16 -25.89
N THR C 32 15.60 -14.03 -26.55
CA THR C 32 16.49 -13.53 -27.58
C THR C 32 17.17 -12.22 -27.22
N GLU C 33 16.75 -11.55 -26.14
CA GLU C 33 17.42 -10.35 -25.66
C GLU C 33 17.64 -10.49 -24.17
N VAL C 34 18.90 -10.44 -23.74
CA VAL C 34 19.24 -10.63 -22.33
C VAL C 34 20.14 -9.48 -21.90
N ARG C 35 20.10 -9.18 -20.60
CA ARG C 35 21.03 -8.24 -19.98
C ARG C 35 21.82 -8.99 -18.92
N VAL C 36 23.12 -9.14 -19.15
CA VAL C 36 24.01 -9.77 -18.19
C VAL C 36 24.71 -8.65 -17.43
N THR C 37 24.74 -8.76 -16.12
CA THR C 37 25.20 -7.69 -15.24
C THR C 37 26.17 -8.33 -14.28
N VAL C 38 27.33 -7.75 -14.11
CA VAL C 38 28.27 -8.19 -13.09
C VAL C 38 28.12 -7.29 -11.87
N LEU C 39 28.09 -7.90 -10.70
CA LEU C 39 28.04 -7.17 -9.45
C LEU C 39 29.16 -7.65 -8.55
N ARG C 40 29.65 -6.74 -7.71
CA ARG C 40 30.63 -7.06 -6.68
C ARG C 40 29.96 -6.94 -5.31
N GLN C 41 30.14 -7.98 -4.50
CA GLN C 41 29.59 -8.04 -3.14
C GLN C 41 30.62 -7.45 -2.17
N ALA C 42 30.31 -6.29 -1.61
CA ALA C 42 31.23 -5.57 -0.74
C ALA C 42 30.93 -5.82 0.75
N ASP C 43 30.61 -7.07 1.11
CA ASP C 43 30.30 -7.59 2.45
C ASP C 43 28.80 -7.54 2.76
N SER C 44 28.14 -6.42 2.46
CA SER C 44 26.69 -6.37 2.61
C SER C 44 26.04 -5.36 1.66
N GLN C 45 26.80 -4.77 0.75
CA GLN C 45 26.33 -3.82 -0.25
C GLN C 45 26.70 -4.34 -1.64
N VAL C 46 26.35 -3.57 -2.67
CA VAL C 46 26.36 -4.06 -4.04
C VAL C 46 26.84 -2.96 -5.00
N THR C 47 27.64 -3.36 -5.98
CA THR C 47 28.28 -2.46 -6.94
C THR C 47 28.06 -2.97 -8.34
N GLU C 48 27.61 -2.11 -9.27
CA GLU C 48 27.49 -2.57 -10.65
C GLU C 48 28.87 -2.49 -11.31
N VAL C 49 29.47 -3.65 -11.57
CA VAL C 49 30.80 -3.69 -12.19
C VAL C 49 30.70 -3.37 -13.68
N CYS C 50 29.75 -4.00 -14.37
CA CYS C 50 29.47 -3.71 -15.77
C CYS C 50 28.13 -4.36 -16.09
N ALA C 51 27.63 -4.04 -17.28
CA ALA C 51 26.35 -4.61 -17.71
C ALA C 51 26.21 -4.40 -19.21
N ALA C 52 25.49 -5.31 -19.85
CA ALA C 52 25.33 -5.24 -21.31
C ALA C 52 24.02 -5.89 -21.70
N THR C 53 23.17 -5.14 -22.40
CA THR C 53 21.98 -5.69 -23.02
C THR C 53 22.32 -6.05 -24.47
N TYR C 54 22.32 -7.33 -24.78
CA TYR C 54 22.63 -7.79 -26.12
C TYR C 54 21.54 -8.74 -26.60
N MET C 55 21.64 -9.12 -27.87
CA MET C 55 20.68 -10.04 -28.45
C MET C 55 21.45 -11.25 -28.95
N MET C 56 20.73 -12.35 -29.18
CA MET C 56 21.39 -13.62 -29.49
C MET C 56 22.06 -13.56 -30.85
N GLY C 57 23.34 -13.92 -30.90
CA GLY C 57 24.09 -13.88 -32.13
C GLY C 57 24.93 -12.64 -32.21
N ASN C 58 24.34 -11.53 -31.78
CA ASN C 58 24.91 -10.20 -31.88
C ASN C 58 26.09 -10.06 -30.92
N GLU C 59 26.81 -8.94 -31.08
CA GLU C 59 27.93 -8.64 -30.21
C GLU C 59 27.48 -8.34 -28.78
N LEU C 60 28.30 -8.77 -27.83
CA LEU C 60 28.09 -8.50 -26.41
C LEU C 60 28.89 -7.25 -26.09
N THR C 61 28.25 -6.09 -26.27
CA THR C 61 28.92 -4.80 -26.38
C THR C 61 28.76 -4.01 -25.08
N PHE C 62 29.88 -3.60 -24.47
CA PHE C 62 29.85 -2.87 -23.20
C PHE C 62 30.06 -1.38 -23.36
N SER C 66 34.90 0.50 -21.44
CA SER C 66 34.58 -0.24 -20.21
C SER C 66 35.71 -1.20 -19.82
N ILE C 67 35.69 -1.63 -18.56
CA ILE C 67 36.67 -2.59 -18.06
C ILE C 67 36.24 -4.04 -18.28
N CYS C 68 35.03 -4.24 -18.80
CA CYS C 68 34.53 -5.56 -19.17
C CYS C 68 34.43 -5.66 -20.69
N THR C 69 34.54 -6.89 -21.20
CA THR C 69 34.09 -7.24 -22.54
C THR C 69 33.48 -8.64 -22.49
N GLY C 70 32.69 -8.99 -23.51
CA GLY C 70 32.02 -10.27 -23.50
C GLY C 70 31.76 -10.88 -24.86
N THR C 71 31.58 -12.19 -24.87
CA THR C 71 31.11 -12.97 -26.01
C THR C 71 30.11 -13.99 -25.48
N SER C 72 28.96 -14.13 -26.14
CA SER C 72 28.01 -15.19 -25.79
C SER C 72 28.00 -16.24 -26.90
N SER C 73 27.92 -17.51 -26.50
CA SER C 73 27.71 -18.64 -27.40
C SER C 73 26.54 -19.44 -26.82
N GLY C 74 25.34 -19.22 -27.35
CA GLY C 74 24.16 -19.82 -26.76
C GLY C 74 23.79 -19.14 -25.45
N ASN C 75 23.76 -19.91 -24.36
CA ASN C 75 23.46 -19.37 -23.04
C ASN C 75 24.70 -19.31 -22.16
N GLN C 76 25.88 -19.28 -22.75
CA GLN C 76 27.11 -19.11 -22.02
C GLN C 76 27.72 -17.77 -22.40
N VAL C 77 28.05 -16.97 -21.39
CA VAL C 77 28.71 -15.69 -21.63
C VAL C 77 30.12 -15.82 -21.10
N ASN C 78 31.09 -15.68 -22.00
CA ASN C 78 32.49 -15.64 -21.59
C ASN C 78 32.79 -14.23 -21.15
N LEU C 79 32.70 -14.02 -19.84
CA LEU C 79 32.88 -12.71 -19.23
C LEU C 79 34.36 -12.48 -18.96
N THR C 80 34.88 -11.38 -19.51
CA THR C 80 36.27 -11.00 -19.34
C THR C 80 36.31 -9.68 -18.59
N ILE C 81 37.11 -9.63 -17.52
CA ILE C 81 37.29 -8.42 -16.73
C ILE C 81 38.78 -8.15 -16.62
N GLN C 82 39.20 -6.97 -17.05
CA GLN C 82 40.62 -6.61 -17.11
C GLN C 82 40.90 -5.50 -16.10
N GLY C 83 42.06 -5.56 -15.47
CA GLY C 83 42.50 -4.50 -14.58
C GLY C 83 42.13 -4.65 -13.12
N LEU C 84 41.93 -5.88 -12.65
CA LEU C 84 41.62 -6.10 -11.25
C LEU C 84 42.91 -6.33 -10.47
N ARG C 85 43.07 -5.57 -9.38
CA ARG C 85 44.26 -5.66 -8.55
C ARG C 85 44.06 -6.72 -7.45
N ALA C 86 45.08 -6.93 -6.64
CA ALA C 86 44.99 -7.87 -5.52
C ALA C 86 43.94 -7.44 -4.49
N MET C 87 43.52 -6.17 -4.52
CA MET C 87 42.55 -5.60 -3.60
C MET C 87 41.10 -5.94 -3.96
N ASP C 88 40.86 -6.59 -5.09
CA ASP C 88 39.51 -6.91 -5.55
C ASP C 88 39.09 -8.32 -5.16
N THR C 89 39.88 -9.01 -4.33
CA THR C 89 39.53 -10.31 -3.82
C THR C 89 38.20 -10.25 -3.08
N GLY C 90 37.11 -10.53 -3.79
CA GLY C 90 35.76 -10.48 -3.25
C GLY C 90 34.81 -11.26 -4.13
N LEU C 91 33.54 -11.23 -3.75
CA LEU C 91 32.50 -12.02 -4.41
C LEU C 91 31.94 -11.26 -5.62
N TYR C 92 31.89 -11.93 -6.76
CA TYR C 92 31.36 -11.34 -7.99
C TYR C 92 30.13 -12.16 -8.41
N ILE C 93 28.97 -11.52 -8.40
CA ILE C 93 27.70 -12.18 -8.66
C ILE C 93 27.31 -11.94 -10.11
N CYS C 94 26.74 -12.97 -10.72
CA CYS C 94 26.30 -12.93 -12.11
C CYS C 94 24.78 -12.74 -12.11
N LYS C 95 24.33 -11.61 -12.64
CA LYS C 95 22.90 -11.33 -12.77
C LYS C 95 22.52 -11.41 -14.22
N VAL C 96 21.46 -12.17 -14.51
CA VAL C 96 21.00 -12.40 -15.87
C VAL C 96 19.55 -11.98 -15.92
N GLU C 97 19.20 -11.15 -16.90
CA GLU C 97 17.84 -10.70 -17.07
C GLU C 97 17.40 -11.02 -18.49
N LEU C 98 16.31 -11.76 -18.64
CA LEU C 98 15.78 -12.12 -19.97
C LEU C 98 14.69 -11.11 -20.30
N MET C 99 14.95 -10.27 -21.30
CA MET C 99 14.10 -9.14 -21.64
C MET C 99 13.02 -9.51 -22.64
N TYR C 100 13.37 -10.18 -23.71
CA TYR C 100 12.41 -10.52 -24.74
C TYR C 100 12.77 -11.88 -25.31
N PRO C 101 11.77 -12.69 -25.70
CA PRO C 101 10.33 -12.39 -25.61
C PRO C 101 9.75 -12.51 -24.19
N PRO C 102 8.61 -11.87 -23.94
CA PRO C 102 8.04 -11.87 -22.60
C PRO C 102 7.77 -13.28 -22.13
N PRO C 103 7.77 -13.51 -20.82
CA PRO C 103 7.99 -12.45 -19.82
C PRO C 103 9.46 -12.22 -19.46
N TYR C 104 9.72 -11.09 -18.78
CA TYR C 104 10.99 -10.83 -18.13
C TYR C 104 11.31 -11.95 -17.14
N TYR C 105 12.60 -12.25 -17.00
CA TYR C 105 13.09 -13.23 -16.02
C TYR C 105 14.36 -12.72 -15.33
N LEU C 106 14.42 -12.91 -14.01
CA LEU C 106 15.58 -12.60 -13.19
C LEU C 106 16.21 -13.88 -12.67
N GLY C 107 17.50 -14.03 -12.91
CA GLY C 107 18.27 -15.09 -12.27
C GLY C 107 19.52 -14.49 -11.67
N ILE C 108 19.89 -14.98 -10.48
CA ILE C 108 21.05 -14.49 -9.74
C ILE C 108 21.95 -15.67 -9.38
N GLY C 109 23.24 -15.54 -9.68
CA GLY C 109 24.18 -16.63 -9.41
C GLY C 109 24.57 -16.75 -7.95
N ASN C 110 24.79 -17.99 -7.51
CA ASN C 110 25.18 -18.27 -6.12
C ASN C 110 26.48 -17.57 -5.75
N GLY C 111 27.26 -17.13 -6.74
CA GLY C 111 28.47 -16.37 -6.49
C GLY C 111 29.70 -16.95 -7.18
N THR C 112 30.64 -16.06 -7.49
CA THR C 112 31.94 -16.49 -8.00
C THR C 112 33.01 -15.67 -7.29
N GLN C 113 34.16 -16.30 -7.07
CA GLN C 113 35.19 -15.76 -6.18
C GLN C 113 36.49 -15.62 -6.95
N ILE C 114 37.04 -14.41 -6.95
CA ILE C 114 38.25 -14.09 -7.72
C ILE C 114 39.38 -13.83 -6.74
N TYR C 115 40.57 -14.32 -7.09
CA TYR C 115 41.78 -14.10 -6.31
C TYR C 115 42.81 -13.47 -7.23
N VAL C 116 43.50 -12.43 -6.73
CA VAL C 116 44.52 -11.77 -7.54
C VAL C 116 45.91 -11.82 -6.89
C1 NAG D . 36.97 -17.27 -22.54
C2 NAG D . 37.52 -18.65 -23.00
C3 NAG D . 39.05 -18.72 -22.81
C4 NAG D . 39.73 -17.53 -23.46
C5 NAG D . 39.17 -16.26 -22.83
C6 NAG D . 39.79 -14.98 -23.38
C7 NAG D . 35.65 -20.20 -22.58
C8 NAG D . 35.15 -21.32 -21.72
N2 NAG D . 36.87 -19.73 -22.28
O3 NAG D . 39.55 -19.95 -23.34
O4 NAG D . 41.15 -17.59 -23.31
O5 NAG D . 37.77 -16.19 -23.11
O6 NAG D . 38.79 -14.00 -23.63
O7 NAG D . 34.99 -19.74 -23.51
#